data_5MKJ
#
_entry.id   5MKJ
#
_cell.length_a   64.139
_cell.length_b   64.139
_cell.length_c   111.979
_cell.angle_alpha   90.000
_cell.angle_beta   90.000
_cell.angle_gamma   90.000
#
_symmetry.space_group_name_H-M   'P 43 21 2'
#
loop_
_entity.id
_entity.type
_entity.pdbx_description
1 polymer 'Retinoic acid receptor RXR-alpha'
2 polymer LYS-ILE-LEU-HIS-ARG-LEU-LEU-GLN-ASP
3 non-polymer '(~{E})-3-[4-oxidanyl-3-(5-prop-2-enyl-2-propoxy-phenyl)phenyl]prop-2-enoic acid'
4 water water
#
loop_
_entity_poly.entity_id
_entity_poly.type
_entity_poly.pdbx_seq_one_letter_code
_entity_poly.pdbx_strand_id
1 'polypeptide(L)'
;DMPVERILEAELAVEPKTETYVEANMGLNPSSPNDPVTNICQAADKQLFTLVEWAKRIPHFSELPLDDQVILLRAGWNEL
LIASFSHRSIAVKDGILLATGLHVHRNSAHSAGVGAIFDRVLTELVSKMRDMQMDKTELGCLRAIVLFNPDSKGLSNPAE
VEALREKVYASLEAYCKHKYPEQPGRFAKLLLRLPALRSIGLKCLEHLFFFKLIGDTPIDTFLMEMLEAP
;
A
2 'polypeptide(L)' KILHRLLQD B
#
# COMPACT_ATOMS: atom_id res chain seq x y z
N ASP A 1 10.28 14.53 -14.94
CA ASP A 1 9.25 13.76 -15.61
C ASP A 1 8.84 12.56 -14.76
N MET A 2 7.53 12.37 -14.58
CA MET A 2 6.98 11.26 -13.81
C MET A 2 6.00 10.50 -14.69
N PRO A 3 6.50 9.73 -15.66
CA PRO A 3 5.60 9.04 -16.59
C PRO A 3 4.83 7.93 -15.91
N VAL A 4 3.50 7.94 -16.09
CA VAL A 4 2.66 6.89 -15.53
C VAL A 4 2.97 5.55 -16.17
N GLU A 5 3.55 5.54 -17.37
CA GLU A 5 3.89 4.27 -18.02
C GLU A 5 4.86 3.47 -17.15
N ARG A 6 5.91 4.12 -16.64
CA ARG A 6 6.86 3.43 -15.79
C ARG A 6 6.23 3.03 -14.46
N ILE A 7 5.41 3.91 -13.88
CA ILE A 7 4.71 3.56 -12.64
C ILE A 7 3.87 2.31 -12.86
N LEU A 8 3.27 2.17 -14.05
CA LEU A 8 2.53 0.95 -14.36
C LEU A 8 3.47 -0.24 -14.46
N GLU A 9 4.63 -0.07 -15.08
CA GLU A 9 5.60 -1.16 -15.15
C GLU A 9 5.98 -1.64 -13.75
N ALA A 10 6.10 -0.73 -12.79
CA ALA A 10 6.40 -1.13 -11.43
C ALA A 10 5.30 -2.00 -10.84
N GLU A 11 4.04 -1.62 -11.05
CA GLU A 11 2.93 -2.42 -10.55
C GLU A 11 2.90 -3.79 -11.21
N LEU A 12 3.05 -3.84 -12.54
CA LEU A 12 3.01 -5.11 -13.23
C LEU A 12 4.21 -5.98 -12.92
N ALA A 13 5.34 -5.36 -12.55
CA ALA A 13 6.56 -6.12 -12.30
C ALA A 13 6.51 -6.87 -10.97
N VAL A 14 5.69 -6.42 -10.02
CA VAL A 14 5.64 -7.02 -8.69
C VAL A 14 4.44 -7.93 -8.50
N GLU A 15 3.63 -8.15 -9.53
CA GLU A 15 2.51 -9.08 -9.42
C GLU A 15 3.00 -10.51 -9.26
N ASP A 35 -5.45 -20.54 10.56
CA ASP A 35 -5.72 -19.26 11.21
C ASP A 35 -5.58 -18.11 10.22
N PRO A 36 -6.67 -17.37 9.99
CA PRO A 36 -6.61 -16.25 9.03
C PRO A 36 -5.59 -15.19 9.41
N VAL A 37 -5.42 -14.93 10.71
CA VAL A 37 -4.48 -13.91 11.14
C VAL A 37 -3.05 -14.32 10.81
N THR A 38 -2.71 -15.58 11.08
CA THR A 38 -1.36 -16.06 10.76
C THR A 38 -1.08 -16.00 9.26
N ASN A 39 -2.07 -16.37 8.45
CA ASN A 39 -1.89 -16.32 7.00
C ASN A 39 -1.78 -14.88 6.50
N ILE A 40 -2.44 -13.95 7.18
CA ILE A 40 -2.34 -12.54 6.79
C ILE A 40 -0.95 -12.01 7.08
N CYS A 41 -0.39 -12.38 8.24
CA CYS A 41 0.95 -11.92 8.59
C CYS A 41 2.00 -12.52 7.65
N GLN A 42 1.85 -13.80 7.30
CA GLN A 42 2.77 -14.41 6.35
C GLN A 42 2.79 -13.65 5.03
N ALA A 43 1.61 -13.34 4.49
CA ALA A 43 1.54 -12.61 3.23
C ALA A 43 2.15 -11.21 3.37
N ALA A 44 1.88 -10.54 4.50
CA ALA A 44 2.43 -9.21 4.70
C ALA A 44 3.96 -9.25 4.72
N ASP A 45 4.53 -10.20 5.46
CA ASP A 45 5.98 -10.32 5.49
C ASP A 45 6.54 -10.63 4.10
N LYS A 46 5.84 -11.48 3.34
CA LYS A 46 6.32 -11.83 2.00
C LYS A 46 6.28 -10.63 1.07
N GLN A 47 5.31 -9.74 1.21
CA GLN A 47 5.19 -8.61 0.32
C GLN A 47 6.13 -7.46 0.68
N LEU A 48 6.60 -7.40 1.93
CA LEU A 48 7.58 -6.37 2.29
C LEU A 48 8.82 -6.47 1.41
N PHE A 49 9.32 -7.69 1.20
CA PHE A 49 10.44 -7.86 0.28
C PHE A 49 10.09 -7.39 -1.12
N THR A 50 8.89 -7.74 -1.60
CA THR A 50 8.44 -7.27 -2.90
C THR A 50 8.24 -5.76 -2.92
N LEU A 51 7.79 -5.19 -1.80
CA LEU A 51 7.58 -3.74 -1.75
C LEU A 51 8.87 -2.98 -2.01
N VAL A 52 9.99 -3.50 -1.50
CA VAL A 52 11.28 -2.85 -1.74
C VAL A 52 11.59 -2.83 -3.24
N GLU A 53 11.36 -3.95 -3.92
CA GLU A 53 11.61 -3.99 -5.36
C GLU A 53 10.69 -3.03 -6.10
N TRP A 54 9.42 -2.95 -5.68
CA TRP A 54 8.49 -2.02 -6.32
C TRP A 54 8.97 -0.58 -6.20
N ALA A 55 9.36 -0.18 -4.99
CA ALA A 55 9.78 1.20 -4.78
C ALA A 55 10.97 1.56 -5.66
N LYS A 56 11.88 0.61 -5.86
CA LYS A 56 13.04 0.87 -6.70
C LYS A 56 12.62 1.22 -8.13
N ARG A 57 11.49 0.68 -8.59
CA ARG A 57 11.03 0.93 -9.94
C ARG A 57 10.25 2.24 -10.07
N ILE A 58 9.86 2.86 -8.96
CA ILE A 58 9.21 4.16 -9.04
C ILE A 58 10.25 5.22 -9.42
N PRO A 59 10.00 6.02 -10.46
CA PRO A 59 11.04 6.96 -10.91
C PRO A 59 11.50 7.89 -9.79
N HIS A 60 12.81 8.02 -9.65
CA HIS A 60 13.53 8.95 -8.79
C HIS A 60 13.58 8.49 -7.33
N PHE A 61 12.91 7.40 -6.95
CA PHE A 61 12.95 6.96 -5.56
C PHE A 61 14.35 6.51 -5.17
N SER A 62 14.99 5.69 -6.02
CA SER A 62 16.34 5.22 -5.74
C SER A 62 17.35 6.36 -5.72
N GLU A 63 17.02 7.50 -6.31
CA GLU A 63 17.92 8.65 -6.30
C GLU A 63 17.86 9.43 -4.99
N LEU A 64 16.89 9.14 -4.12
CA LEU A 64 16.81 9.81 -2.84
C LEU A 64 17.88 9.26 -1.90
N PRO A 65 18.24 10.03 -0.87
CA PRO A 65 19.19 9.53 0.13
C PRO A 65 18.68 8.23 0.74
N LEU A 66 19.63 7.32 1.01
CA LEU A 66 19.26 6.01 1.54
C LEU A 66 18.44 6.13 2.81
N ASP A 67 18.79 7.08 3.68
CA ASP A 67 18.03 7.25 4.92
C ASP A 67 16.61 7.71 4.65
N ASP A 68 16.41 8.52 3.61
CA ASP A 68 15.05 8.94 3.27
C ASP A 68 14.26 7.80 2.66
N GLN A 69 14.90 6.99 1.80
CA GLN A 69 14.24 5.81 1.27
C GLN A 69 13.75 4.90 2.40
N VAL A 70 14.57 4.73 3.44
CA VAL A 70 14.17 3.92 4.58
C VAL A 70 12.99 4.57 5.29
N ILE A 71 13.05 5.88 5.50
CA ILE A 71 11.98 6.57 6.21
C ILE A 71 10.65 6.43 5.45
N LEU A 72 10.70 6.61 4.13
CA LEU A 72 9.47 6.55 3.34
C LEU A 72 8.85 5.16 3.42
N LEU A 73 9.65 4.12 3.26
CA LEU A 73 9.11 2.76 3.29
C LEU A 73 8.60 2.38 4.67
N ARG A 74 9.36 2.70 5.72
CA ARG A 74 8.91 2.39 7.07
C ARG A 74 7.62 3.13 7.41
N ALA A 75 7.41 4.30 6.80
CA ALA A 75 6.23 5.11 7.09
C ALA A 75 5.02 4.72 6.26
N GLY A 76 5.21 4.08 5.10
CA GLY A 76 4.09 3.79 4.24
C GLY A 76 3.97 2.34 3.82
N TRP A 77 4.83 1.47 4.35
CA TRP A 77 4.78 0.06 3.96
C TRP A 77 3.39 -0.52 4.19
N ASN A 78 2.74 -0.15 5.29
CA ASN A 78 1.45 -0.74 5.63
C ASN A 78 0.37 -0.30 4.66
N GLU A 79 0.19 1.02 4.49
CA GLU A 79 -0.77 1.51 3.52
C GLU A 79 -0.45 1.02 2.11
N LEU A 80 0.84 0.84 1.80
CA LEU A 80 1.22 0.37 0.47
C LEU A 80 0.76 -1.06 0.23
N LEU A 81 0.91 -1.93 1.24
CA LEU A 81 0.47 -3.30 1.09
C LEU A 81 -1.05 -3.40 1.10
N ILE A 82 -1.71 -2.64 1.96
CA ILE A 82 -3.17 -2.68 2.03
C ILE A 82 -3.77 -2.26 0.70
N ALA A 83 -3.23 -1.20 0.09
CA ALA A 83 -3.74 -0.77 -1.21
C ALA A 83 -3.53 -1.85 -2.27
N SER A 84 -2.48 -2.66 -2.13
CA SER A 84 -2.21 -3.71 -3.12
C SER A 84 -3.25 -4.82 -3.03
N PHE A 85 -3.40 -5.44 -1.86
CA PHE A 85 -4.30 -6.57 -1.77
C PHE A 85 -5.76 -6.17 -1.90
N SER A 86 -6.09 -4.91 -1.61
CA SER A 86 -7.46 -4.44 -1.82
C SER A 86 -7.80 -4.43 -3.31
N HIS A 87 -6.99 -3.73 -4.10
CA HIS A 87 -7.24 -3.70 -5.55
C HIS A 87 -7.17 -5.10 -6.14
N ARG A 88 -6.27 -5.94 -5.61
CA ARG A 88 -6.17 -7.32 -6.08
C ARG A 88 -7.44 -8.12 -5.81
N SER A 89 -8.30 -7.65 -4.90
CA SER A 89 -9.48 -8.40 -4.49
C SER A 89 -10.77 -7.81 -5.04
N ILE A 90 -10.69 -6.86 -5.97
CA ILE A 90 -11.91 -6.25 -6.49
C ILE A 90 -12.81 -7.29 -7.13
N ALA A 91 -12.23 -8.33 -7.73
CA ALA A 91 -13.02 -9.40 -8.34
C ALA A 91 -13.51 -10.43 -7.33
N VAL A 92 -13.02 -10.39 -6.09
CA VAL A 92 -13.41 -11.36 -5.08
C VAL A 92 -14.72 -10.92 -4.44
N LYS A 93 -15.54 -11.90 -4.06
CA LYS A 93 -16.85 -11.67 -3.47
C LYS A 93 -16.72 -11.74 -1.95
N ASP A 94 -16.83 -10.58 -1.29
CA ASP A 94 -16.79 -10.51 0.17
C ASP A 94 -15.55 -11.21 0.73
N GLY A 95 -14.40 -10.94 0.13
CA GLY A 95 -13.19 -11.60 0.55
C GLY A 95 -11.95 -10.87 0.09
N ILE A 96 -10.82 -11.30 0.62
CA ILE A 96 -9.52 -10.74 0.31
C ILE A 96 -8.66 -11.82 -0.33
N LEU A 97 -7.86 -11.44 -1.32
CA LEU A 97 -6.95 -12.34 -2.00
C LEU A 97 -5.53 -12.00 -1.53
N LEU A 98 -4.99 -12.84 -0.66
CA LEU A 98 -3.66 -12.59 -0.12
C LEU A 98 -2.60 -12.87 -1.18
N ALA A 99 -1.44 -12.22 -1.02
CA ALA A 99 -0.34 -12.41 -1.96
C ALA A 99 0.15 -13.86 -1.99
N THR A 100 -0.16 -14.63 -0.95
CA THR A 100 0.21 -16.04 -0.89
C THR A 100 -0.74 -16.94 -1.69
N GLY A 101 -1.77 -16.38 -2.31
CA GLY A 101 -2.72 -17.15 -3.06
C GLY A 101 -3.91 -17.63 -2.28
N LEU A 102 -3.98 -17.34 -0.97
CA LEU A 102 -5.08 -17.78 -0.13
C LEU A 102 -6.20 -16.74 -0.14
N HIS A 103 -7.43 -17.22 -0.26
CA HIS A 103 -8.61 -16.36 -0.21
C HIS A 103 -9.14 -16.33 1.22
N VAL A 104 -9.19 -15.14 1.80
CA VAL A 104 -9.74 -14.93 3.13
C VAL A 104 -11.13 -14.33 2.97
N HIS A 105 -12.16 -15.06 3.36
CA HIS A 105 -13.52 -14.59 3.28
C HIS A 105 -13.90 -13.85 4.55
N ARG A 106 -14.84 -12.90 4.43
CA ARG A 106 -15.21 -12.08 5.56
C ARG A 106 -15.72 -12.90 6.73
N ASN A 107 -16.33 -14.06 6.46
CA ASN A 107 -16.76 -14.94 7.54
C ASN A 107 -15.56 -15.49 8.30
N SER A 108 -14.54 -15.96 7.57
CA SER A 108 -13.33 -16.44 8.23
C SER A 108 -12.67 -15.33 9.03
N ALA A 109 -12.60 -14.12 8.47
CA ALA A 109 -12.02 -13.00 9.20
C ALA A 109 -12.83 -12.66 10.44
N HIS A 110 -14.16 -12.71 10.33
CA HIS A 110 -15.00 -12.44 11.48
C HIS A 110 -14.84 -13.54 12.54
N SER A 111 -14.72 -14.79 12.10
CA SER A 111 -14.51 -15.88 13.05
C SER A 111 -13.14 -15.82 13.71
N ALA A 112 -12.22 -15.02 13.17
CA ALA A 112 -10.90 -14.85 13.77
C ALA A 112 -10.81 -13.66 14.70
N GLY A 113 -11.88 -12.88 14.82
CA GLY A 113 -11.89 -11.72 15.69
C GLY A 113 -11.45 -10.42 15.04
N VAL A 114 -11.21 -10.41 13.73
CA VAL A 114 -10.77 -9.21 13.04
C VAL A 114 -11.80 -8.82 12.00
N GLY A 115 -13.08 -9.04 12.31
CA GLY A 115 -14.13 -8.76 11.34
C GLY A 115 -14.39 -7.29 11.11
N ALA A 116 -14.19 -6.46 12.14
CA ALA A 116 -14.47 -5.03 11.99
C ALA A 116 -13.55 -4.39 10.97
N ILE A 117 -12.23 -4.53 11.16
CA ILE A 117 -11.28 -3.91 10.23
C ILE A 117 -11.37 -4.58 8.87
N PHE A 118 -11.59 -5.90 8.84
CA PHE A 118 -11.77 -6.59 7.57
C PHE A 118 -12.96 -6.02 6.79
N ASP A 119 -14.06 -5.75 7.50
CA ASP A 119 -15.22 -5.15 6.83
C ASP A 119 -14.89 -3.75 6.32
N ARG A 120 -14.15 -2.97 7.11
N ARG A 120 -14.14 -2.97 7.10
CA ARG A 120 -13.76 -1.63 6.66
CA ARG A 120 -13.76 -1.63 6.66
C ARG A 120 -12.98 -1.69 5.36
C ARG A 120 -12.97 -1.69 5.35
N VAL A 121 -12.09 -2.69 5.22
CA VAL A 121 -11.32 -2.83 3.99
C VAL A 121 -12.25 -3.10 2.81
N LEU A 122 -13.26 -3.95 3.01
CA LEU A 122 -14.18 -4.29 1.94
C LEU A 122 -15.03 -3.08 1.53
N THR A 123 -15.68 -2.44 2.51
CA THR A 123 -16.61 -1.37 2.18
C THR A 123 -15.87 -0.11 1.71
N GLU A 124 -14.80 0.25 2.39
CA GLU A 124 -14.12 1.51 2.12
C GLU A 124 -13.06 1.42 1.03
N LEU A 125 -12.53 0.23 0.74
CA LEU A 125 -11.46 0.10 -0.24
C LEU A 125 -11.84 -0.81 -1.38
N VAL A 126 -11.98 -2.11 -1.15
CA VAL A 126 -12.20 -3.05 -2.25
C VAL A 126 -13.43 -2.67 -3.05
N SER A 127 -14.57 -2.49 -2.37
CA SER A 127 -15.81 -2.18 -3.07
C SER A 127 -15.72 -0.86 -3.81
N LYS A 128 -15.14 0.16 -3.16
CA LYS A 128 -14.97 1.45 -3.84
C LYS A 128 -14.10 1.31 -5.08
N MET A 129 -13.03 0.52 -4.99
CA MET A 129 -12.21 0.27 -6.17
C MET A 129 -13.00 -0.47 -7.24
N ARG A 130 -13.79 -1.46 -6.84
N ARG A 130 -13.78 -1.46 -6.85
CA ARG A 130 -14.56 -2.24 -7.81
CA ARG A 130 -14.55 -2.23 -7.83
C ARG A 130 -15.61 -1.37 -8.50
C ARG A 130 -15.60 -1.36 -8.51
N ASP A 131 -16.31 -0.53 -7.73
CA ASP A 131 -17.39 0.26 -8.31
C ASP A 131 -16.89 1.21 -9.39
N MET A 132 -15.73 1.82 -9.18
CA MET A 132 -15.18 2.78 -10.14
C MET A 132 -14.22 2.14 -11.14
N GLN A 133 -13.97 0.84 -11.04
CA GLN A 133 -13.05 0.15 -11.93
C GLN A 133 -11.68 0.83 -11.96
N MET A 134 -11.14 1.08 -10.76
CA MET A 134 -9.81 1.65 -10.64
C MET A 134 -8.79 0.76 -11.35
N ASP A 135 -8.10 1.31 -12.34
CA ASP A 135 -7.14 0.52 -13.10
C ASP A 135 -5.80 0.47 -12.37
N LYS A 136 -4.88 -0.35 -12.89
CA LYS A 136 -3.60 -0.55 -12.22
C LYS A 136 -2.71 0.68 -12.33
N THR A 137 -2.88 1.49 -13.37
CA THR A 137 -2.10 2.72 -13.48
C THR A 137 -2.48 3.70 -12.38
N GLU A 138 -3.77 3.82 -12.08
CA GLU A 138 -4.22 4.72 -11.01
C GLU A 138 -3.80 4.18 -9.64
N LEU A 139 -3.88 2.86 -9.46
CA LEU A 139 -3.42 2.26 -8.21
C LEU A 139 -1.94 2.55 -7.98
N GLY A 140 -1.13 2.35 -9.03
CA GLY A 140 0.29 2.66 -8.90
C GLY A 140 0.55 4.11 -8.56
N CYS A 141 -0.19 5.03 -9.19
CA CYS A 141 -0.02 6.44 -8.87
C CYS A 141 -0.39 6.72 -7.43
N LEU A 142 -1.48 6.13 -6.93
CA LEU A 142 -1.84 6.33 -5.53
C LEU A 142 -0.79 5.75 -4.59
N ARG A 143 -0.27 4.55 -4.92
CA ARG A 143 0.78 3.98 -4.08
C ARG A 143 2.04 4.81 -4.12
N ALA A 144 2.35 5.41 -5.28
CA ALA A 144 3.49 6.33 -5.36
C ALA A 144 3.23 7.60 -4.56
N ILE A 145 1.98 8.06 -4.52
CA ILE A 145 1.66 9.26 -3.74
C ILE A 145 1.89 9.00 -2.25
N VAL A 146 1.39 7.87 -1.75
CA VAL A 146 1.63 7.52 -0.35
C VAL A 146 3.10 7.25 -0.11
N LEU A 147 3.81 6.70 -1.10
CA LEU A 147 5.24 6.47 -0.96
C LEU A 147 5.98 7.79 -0.77
N PHE A 148 5.64 8.79 -1.58
CA PHE A 148 6.26 10.12 -1.49
C PHE A 148 5.53 10.99 -0.48
N ASN A 149 5.56 10.53 0.77
CA ASN A 149 4.89 11.24 1.86
C ASN A 149 5.83 12.29 2.44
N PRO A 150 5.65 13.57 2.08
CA PRO A 150 6.52 14.62 2.62
C PRO A 150 6.36 14.84 4.11
N ASP A 151 5.30 14.29 4.73
CA ASP A 151 5.10 14.44 6.16
C ASP A 151 5.91 13.43 6.98
N SER A 152 6.59 12.49 6.32
CA SER A 152 7.39 11.52 7.05
C SER A 152 8.43 12.22 7.91
N LYS A 153 8.49 11.85 9.18
CA LYS A 153 9.42 12.48 10.10
C LYS A 153 10.84 11.99 9.84
N GLY A 154 11.80 12.93 9.88
CA GLY A 154 13.20 12.61 9.71
C GLY A 154 13.74 12.81 8.31
N LEU A 155 12.88 13.08 7.32
CA LEU A 155 13.35 13.28 5.96
C LEU A 155 14.41 14.37 5.91
N SER A 156 15.54 14.05 5.27
CA SER A 156 16.60 15.05 5.13
C SER A 156 16.17 16.22 4.26
N ASN A 157 15.27 15.98 3.30
CA ASN A 157 14.76 17.03 2.42
C ASN A 157 13.31 16.73 2.08
N PRO A 158 12.38 17.12 2.95
CA PRO A 158 10.96 16.87 2.65
C PRO A 158 10.48 17.58 1.39
N ALA A 159 11.03 18.75 1.07
CA ALA A 159 10.60 19.46 -0.13
C ALA A 159 10.82 18.61 -1.38
N GLU A 160 11.98 17.95 -1.47
CA GLU A 160 12.25 17.08 -2.61
C GLU A 160 11.19 15.98 -2.72
N VAL A 161 10.79 15.40 -1.59
CA VAL A 161 9.78 14.36 -1.61
C VAL A 161 8.43 14.93 -2.02
N GLU A 162 8.10 16.13 -1.55
CA GLU A 162 6.84 16.76 -1.94
C GLU A 162 6.84 17.08 -3.43
N ALA A 163 7.99 17.50 -3.97
CA ALA A 163 8.07 17.74 -5.41
C ALA A 163 7.83 16.47 -6.20
N LEU A 164 8.30 15.33 -5.68
CA LEU A 164 8.04 14.06 -6.35
C LEU A 164 6.57 13.67 -6.26
N ARG A 165 5.95 13.92 -5.11
CA ARG A 165 4.52 13.66 -4.98
C ARG A 165 3.71 14.54 -5.93
N GLU A 166 4.09 15.80 -6.07
CA GLU A 166 3.34 16.70 -6.94
C GLU A 166 3.42 16.24 -8.40
N LYS A 167 4.57 15.72 -8.82
CA LYS A 167 4.69 15.18 -10.17
C LYS A 167 3.89 13.90 -10.35
N VAL A 168 3.60 13.18 -9.26
CA VAL A 168 2.82 11.95 -9.37
C VAL A 168 1.36 12.28 -9.62
N TYR A 169 0.75 13.08 -8.74
CA TYR A 169 -0.66 13.42 -8.96
C TYR A 169 -0.84 14.44 -10.07
N ALA A 170 0.25 15.02 -10.58
CA ALA A 170 0.14 15.82 -11.80
C ALA A 170 -0.01 14.92 -13.01
N SER A 171 0.76 13.82 -13.07
CA SER A 171 0.62 12.87 -14.16
C SER A 171 -0.68 12.07 -14.04
N LEU A 172 -1.11 11.78 -12.81
CA LEU A 172 -2.34 11.03 -12.61
C LEU A 172 -3.55 11.79 -13.13
N GLU A 173 -3.65 13.08 -12.79
CA GLU A 173 -4.77 13.88 -13.25
C GLU A 173 -4.84 13.90 -14.78
N ALA A 174 -3.70 14.13 -15.43
CA ALA A 174 -3.68 14.13 -16.89
C ALA A 174 -4.08 12.76 -17.45
N TYR A 175 -3.66 11.69 -16.78
CA TYR A 175 -4.03 10.35 -17.23
C TYR A 175 -5.53 10.12 -17.08
N CYS A 176 -6.12 10.56 -15.96
CA CYS A 176 -7.54 10.38 -15.76
C CYS A 176 -8.35 11.19 -16.77
N LYS A 177 -7.95 12.45 -17.00
CA LYS A 177 -8.68 13.29 -17.93
C LYS A 177 -8.55 12.81 -19.38
N HIS A 178 -7.52 12.03 -19.68
CA HIS A 178 -7.35 11.48 -21.02
C HIS A 178 -7.97 10.10 -21.15
N LYS A 179 -7.76 9.23 -20.16
CA LYS A 179 -8.30 7.88 -20.22
C LYS A 179 -9.80 7.87 -20.00
N TYR A 180 -10.27 8.61 -18.99
CA TYR A 180 -11.69 8.69 -18.64
C TYR A 180 -12.17 10.13 -18.77
N PRO A 181 -12.17 10.68 -19.98
CA PRO A 181 -12.56 12.09 -20.15
C PRO A 181 -13.98 12.38 -19.73
N GLU A 182 -14.85 11.39 -19.69
CA GLU A 182 -16.25 11.58 -19.30
C GLU A 182 -16.46 11.51 -17.79
N GLN A 183 -15.40 11.29 -17.01
CA GLN A 183 -15.46 11.23 -15.56
C GLN A 183 -14.57 12.34 -15.00
N PRO A 184 -15.03 13.59 -15.05
CA PRO A 184 -14.17 14.70 -14.58
C PRO A 184 -13.78 14.60 -13.11
N GLY A 185 -14.64 14.04 -12.27
CA GLY A 185 -14.38 13.90 -10.86
C GLY A 185 -13.61 12.67 -10.46
N ARG A 186 -13.15 11.86 -11.42
CA ARG A 186 -12.44 10.63 -11.10
C ARG A 186 -11.13 10.93 -10.37
N PHE A 187 -10.43 11.99 -10.78
CA PHE A 187 -9.16 12.33 -10.13
C PHE A 187 -9.36 12.63 -8.65
N ALA A 188 -10.31 13.51 -8.34
CA ALA A 188 -10.59 13.82 -6.94
C ALA A 188 -11.07 12.59 -6.19
N LYS A 189 -11.87 11.75 -6.86
CA LYS A 189 -12.36 10.53 -6.22
C LYS A 189 -11.21 9.62 -5.82
N LEU A 190 -10.19 9.52 -6.67
CA LEU A 190 -9.04 8.67 -6.36
C LEU A 190 -8.32 9.17 -5.10
N LEU A 191 -8.04 10.46 -5.03
CA LEU A 191 -7.32 11.00 -3.89
C LEU A 191 -8.13 10.89 -2.61
N LEU A 192 -9.45 10.93 -2.71
CA LEU A 192 -10.32 10.91 -1.54
C LEU A 192 -10.49 9.51 -0.94
N ARG A 193 -9.79 8.51 -1.47
CA ARG A 193 -9.70 7.22 -0.81
C ARG A 193 -8.49 7.10 0.11
N LEU A 194 -7.54 8.04 0.02
CA LEU A 194 -6.34 8.02 0.83
C LEU A 194 -6.65 8.22 2.31
N PRO A 195 -7.56 9.14 2.67
CA PRO A 195 -7.95 9.24 4.08
C PRO A 195 -8.42 7.90 4.66
N ALA A 196 -9.28 7.18 3.93
CA ALA A 196 -9.69 5.86 4.39
C ALA A 196 -8.48 4.92 4.48
N LEU A 197 -7.58 5.00 3.50
CA LEU A 197 -6.38 4.17 3.53
C LEU A 197 -5.53 4.50 4.75
N ARG A 198 -5.45 5.78 5.11
CA ARG A 198 -4.64 6.18 6.26
C ARG A 198 -5.19 5.59 7.55
N SER A 199 -6.50 5.74 7.78
CA SER A 199 -7.09 5.25 9.04
C SER A 199 -7.08 3.73 9.10
N ILE A 200 -7.32 3.06 7.97
CA ILE A 200 -7.32 1.61 7.96
C ILE A 200 -5.91 1.07 8.24
N GLY A 201 -4.89 1.74 7.72
CA GLY A 201 -3.52 1.32 7.99
C GLY A 201 -3.18 1.43 9.47
N LEU A 202 -3.56 2.54 10.11
CA LEU A 202 -3.32 2.68 11.53
C LEU A 202 -4.01 1.57 12.33
N LYS A 203 -5.26 1.27 12.00
CA LYS A 203 -5.97 0.22 12.71
C LYS A 203 -5.31 -1.14 12.50
N CYS A 204 -4.99 -1.47 11.24
CA CYS A 204 -4.30 -2.72 10.96
C CYS A 204 -2.99 -2.81 11.75
N LEU A 205 -2.29 -1.69 11.88
CA LEU A 205 -1.03 -1.69 12.61
C LEU A 205 -1.25 -1.99 14.09
N GLU A 206 -2.32 -1.45 14.68
CA GLU A 206 -2.65 -1.77 16.06
C GLU A 206 -2.85 -3.27 16.23
N HIS A 207 -3.60 -3.90 15.32
CA HIS A 207 -3.75 -5.35 15.36
C HIS A 207 -2.41 -6.04 15.32
N LEU A 208 -1.50 -5.56 14.47
CA LEU A 208 -0.17 -6.15 14.38
C LEU A 208 0.54 -6.10 15.73
N PHE A 209 0.43 -4.97 16.44
CA PHE A 209 1.08 -4.86 17.74
C PHE A 209 0.42 -5.77 18.77
N PHE A 210 -0.91 -5.89 18.71
CA PHE A 210 -1.59 -6.81 19.62
C PHE A 210 -1.19 -8.26 19.33
N PHE A 211 -1.07 -8.61 18.05
CA PHE A 211 -0.60 -9.94 17.69
C PHE A 211 0.78 -10.20 18.27
N LYS A 212 1.69 -9.24 18.11
CA LYS A 212 3.03 -9.38 18.67
C LYS A 212 2.97 -9.43 20.19
N LEU A 213 2.25 -8.48 20.80
CA LEU A 213 2.19 -8.42 22.26
C LEU A 213 1.60 -9.70 22.85
N ILE A 214 0.52 -10.21 22.25
CA ILE A 214 -0.06 -11.45 22.74
C ILE A 214 0.85 -12.64 22.49
N GLY A 215 1.85 -12.50 21.62
CA GLY A 215 2.78 -13.57 21.35
C GLY A 215 2.17 -14.83 20.76
N ASP A 216 0.88 -14.83 20.45
CA ASP A 216 0.26 -16.04 19.91
C ASP A 216 0.49 -16.21 18.42
N THR A 217 0.81 -15.12 17.71
CA THR A 217 0.93 -15.17 16.26
C THR A 217 2.38 -15.11 15.82
N PRO A 218 2.77 -15.94 14.85
CA PRO A 218 4.16 -15.88 14.33
C PRO A 218 4.36 -14.62 13.52
N ILE A 219 5.34 -13.81 13.92
CA ILE A 219 5.72 -12.60 13.20
C ILE A 219 7.12 -12.81 12.65
N ASP A 220 7.25 -12.79 11.33
CA ASP A 220 8.52 -13.08 10.67
C ASP A 220 9.47 -11.88 10.77
N THR A 221 10.68 -12.07 10.24
CA THR A 221 11.77 -11.12 10.47
C THR A 221 11.43 -9.73 9.92
N PHE A 222 11.12 -9.66 8.62
CA PHE A 222 10.92 -8.35 8.00
C PHE A 222 9.72 -7.63 8.62
N LEU A 223 8.61 -8.35 8.81
CA LEU A 223 7.46 -7.74 9.46
C LEU A 223 7.79 -7.32 10.89
N MET A 224 8.58 -8.13 11.61
CA MET A 224 9.03 -7.75 12.93
C MET A 224 9.84 -6.46 12.89
N GLU A 225 10.70 -6.31 11.88
CA GLU A 225 11.52 -5.11 11.77
C GLU A 225 10.66 -3.86 11.63
N MET A 226 9.54 -3.98 10.92
CA MET A 226 8.65 -2.84 10.78
C MET A 226 7.94 -2.50 12.09
N LEU A 227 7.71 -3.50 12.94
CA LEU A 227 7.09 -3.27 14.24
C LEU A 227 8.02 -2.62 15.25
N GLU A 228 9.32 -2.52 14.93
CA GLU A 228 10.30 -2.02 15.86
C GLU A 228 10.58 -0.54 15.62
N ALA A 229 10.91 0.17 16.69
CA ALA A 229 11.00 1.62 16.63
C ALA A 229 12.23 2.07 15.86
N PRO A 230 12.23 3.34 15.39
CA PRO A 230 13.36 3.95 14.67
C PRO A 230 14.51 4.29 15.61
N LYS B 1 17.64 -2.32 8.88
CA LYS B 1 18.44 -3.52 9.02
C LYS B 1 18.26 -4.41 7.79
N ILE B 2 17.19 -5.21 7.80
CA ILE B 2 16.85 -5.99 6.62
C ILE B 2 16.45 -5.05 5.48
N LEU B 3 15.77 -3.95 5.79
CA LEU B 3 15.41 -2.98 4.77
C LEU B 3 16.66 -2.38 4.13
N HIS B 4 17.65 -2.04 4.95
CA HIS B 4 18.89 -1.46 4.42
C HIS B 4 19.57 -2.42 3.47
N ARG B 5 19.66 -3.70 3.83
CA ARG B 5 20.32 -4.68 2.98
C ARG B 5 19.58 -4.86 1.67
N LEU B 6 18.25 -4.73 1.68
CA LEU B 6 17.48 -4.90 0.45
C LEU B 6 17.50 -3.65 -0.41
N LEU B 7 17.63 -2.47 0.20
CA LEU B 7 17.73 -1.23 -0.56
C LEU B 7 19.10 -1.06 -1.21
N GLN B 8 20.12 -1.77 -0.73
CA GLN B 8 21.44 -1.72 -1.38
C GLN B 8 21.42 -2.51 -2.68
N ASP B 9 21.28 -3.83 -2.58
CA ASP B 9 21.17 -4.71 -3.74
C ASP B 9 21.20 -6.18 -3.32
#